data_2CX7
#
_entry.id   2CX7
#
_cell.length_a   50.485
_cell.length_b   64.512
_cell.length_c   70.656
_cell.angle_alpha   90.00
_cell.angle_beta   90.00
_cell.angle_gamma   90.00
#
_symmetry.space_group_name_H-M   'P 21 21 21'
#
loop_
_entity.id
_entity.type
_entity.pdbx_description
1 polymer 'Sterol carrier protein 2'
2 non-polymer 'PHOSPHATE ION'
3 water water
#
_entity_poly.entity_id   1
_entity_poly.type   'polypeptide(L)'
_entity_poly.pdbx_seq_one_letter_code
;(MSE)ELFTEAWAQAYCRKLNESEAYRKAASTWEGSLALAVRPDPKAGFPKGVAVVLDLWHGACRGAKAVEGEAEADFVI
EADLATWQEVLEGRLEPLSAL(MSE)RGLLELKKGTIAALAPYAQAAQELVKVAREVA
;
_entity_poly.pdbx_strand_id   A,B
#
loop_
_chem_comp.id
_chem_comp.type
_chem_comp.name
_chem_comp.formula
PO4 non-polymer 'PHOSPHATE ION' 'O4 P -3'
#
# COMPACT_ATOMS: atom_id res chain seq x y z
N GLU A 2 19.22 -2.55 15.72
CA GLU A 2 18.80 -2.00 14.40
C GLU A 2 17.80 -2.95 13.74
N LEU A 3 16.77 -2.39 13.13
CA LEU A 3 15.74 -3.20 12.48
C LEU A 3 16.28 -4.13 11.41
N PHE A 4 15.67 -5.31 11.34
CA PHE A 4 16.01 -6.36 10.39
C PHE A 4 17.46 -6.85 10.42
N THR A 5 18.03 -6.92 11.62
CA THR A 5 19.39 -7.42 11.80
C THR A 5 19.24 -8.69 12.64
N GLU A 6 20.24 -9.57 12.59
CA GLU A 6 20.19 -10.81 13.34
C GLU A 6 20.01 -10.55 14.83
N ALA A 7 20.68 -9.54 15.35
CA ALA A 7 20.58 -9.18 16.76
C ALA A 7 19.14 -8.79 17.10
N TRP A 8 18.50 -8.08 16.17
CA TRP A 8 17.12 -7.64 16.38
C TRP A 8 16.20 -8.87 16.37
N ALA A 9 16.38 -9.72 15.37
CA ALA A 9 15.57 -10.93 15.25
C ALA A 9 15.60 -11.76 16.52
N GLN A 10 16.79 -11.92 17.10
CA GLN A 10 16.95 -12.68 18.32
C GLN A 10 16.26 -12.00 19.49
N ALA A 11 16.44 -10.69 19.59
CA ALA A 11 15.83 -9.94 20.68
C ALA A 11 14.31 -9.95 20.56
N TYR A 12 13.82 -9.99 19.32
CA TYR A 12 12.39 -10.00 19.06
C TYR A 12 11.76 -11.33 19.48
N CYS A 13 12.42 -12.43 19.12
CA CYS A 13 11.92 -13.76 19.48
C CYS A 13 11.83 -13.84 21.00
N ARG A 14 12.86 -13.36 21.70
CA ARG A 14 12.87 -13.38 23.15
C ARG A 14 11.73 -12.54 23.71
N LYS A 15 11.53 -11.34 23.16
CA LYS A 15 10.47 -10.45 23.62
C LYS A 15 9.09 -11.09 23.44
N LEU A 16 8.93 -11.81 22.34
CA LEU A 16 7.65 -12.48 22.08
C LEU A 16 7.44 -13.59 23.11
N ASN A 17 8.49 -14.30 23.47
CA ASN A 17 8.34 -15.35 24.46
C ASN A 17 8.06 -14.79 25.85
N GLU A 18 8.40 -13.51 26.06
CA GLU A 18 8.18 -12.86 27.35
C GLU A 18 6.85 -12.12 27.40
N SER A 19 6.15 -12.09 26.27
CA SER A 19 4.87 -11.38 26.20
C SER A 19 3.65 -12.25 26.46
N GLU A 20 3.01 -12.05 27.62
CA GLU A 20 1.82 -12.81 27.95
C GLU A 20 0.67 -12.48 26.99
N ALA A 21 0.63 -11.24 26.52
CA ALA A 21 -0.43 -10.79 25.60
C ALA A 21 -0.32 -11.52 24.27
N TYR A 22 0.89 -11.60 23.73
CA TYR A 22 1.09 -12.31 22.48
C TYR A 22 0.82 -13.80 22.70
N ARG A 23 1.31 -14.32 23.81
CA ARG A 23 1.15 -15.73 24.14
C ARG A 23 -0.31 -16.14 24.13
N LYS A 24 -1.17 -15.30 24.70
CA LYS A 24 -2.61 -15.58 24.74
C LYS A 24 -3.22 -15.47 23.35
N ALA A 25 -2.94 -14.35 22.66
CA ALA A 25 -3.48 -14.11 21.33
C ALA A 25 -3.14 -15.15 20.28
N ALA A 26 -1.94 -15.73 20.36
CA ALA A 26 -1.51 -16.73 19.40
C ALA A 26 -1.51 -18.16 19.94
N SER A 27 -2.31 -18.40 20.97
CA SER A 27 -2.35 -19.74 21.59
C SER A 27 -2.50 -20.92 20.63
N THR A 28 -3.29 -20.75 19.56
CA THR A 28 -3.47 -21.86 18.62
C THR A 28 -2.83 -21.60 17.26
N TRP A 29 -1.92 -20.64 17.21
CA TRP A 29 -1.24 -20.32 15.96
C TRP A 29 -0.14 -21.32 15.62
N GLU A 30 -0.06 -21.69 14.34
CA GLU A 30 0.98 -22.57 13.84
C GLU A 30 1.42 -22.05 12.48
N GLY A 31 2.73 -22.01 12.25
CA GLY A 31 3.20 -21.53 10.97
C GLY A 31 4.28 -20.48 11.08
N SER A 32 5.25 -20.54 10.17
CA SER A 32 6.34 -19.56 10.17
C SER A 32 5.85 -18.29 9.50
N LEU A 33 6.45 -17.16 9.87
CA LEU A 33 6.05 -15.87 9.31
C LEU A 33 7.30 -15.09 8.95
N ALA A 34 7.35 -14.60 7.72
CA ALA A 34 8.48 -13.81 7.27
C ALA A 34 8.03 -12.37 7.08
N LEU A 35 8.79 -11.45 7.66
CA LEU A 35 8.56 -10.03 7.52
C LEU A 35 9.68 -9.62 6.56
N ALA A 36 9.30 -9.39 5.30
CA ALA A 36 10.26 -9.09 4.26
C ALA A 36 10.34 -7.63 3.80
N VAL A 37 11.57 -7.17 3.62
CA VAL A 37 11.88 -5.82 3.15
C VAL A 37 12.32 -5.96 1.69
N ARG A 38 11.67 -5.21 0.80
CA ARG A 38 12.01 -5.24 -0.63
C ARG A 38 13.41 -4.68 -0.83
N PRO A 39 14.08 -5.05 -1.93
CA PRO A 39 15.43 -4.55 -2.21
C PRO A 39 15.48 -3.03 -2.08
N ASP A 40 16.50 -2.54 -1.39
CA ASP A 40 16.67 -1.12 -1.12
C ASP A 40 18.18 -0.85 -0.98
N PRO A 41 18.89 -0.72 -2.11
CA PRO A 41 20.33 -0.45 -2.09
C PRO A 41 20.72 0.76 -1.22
N LYS A 42 19.95 1.84 -1.32
CA LYS A 42 20.20 3.07 -0.56
C LYS A 42 20.19 2.84 0.94
N ALA A 43 19.46 1.82 1.37
CA ALA A 43 19.34 1.50 2.78
C ALA A 43 20.30 0.39 3.22
N GLY A 44 21.14 -0.08 2.30
CA GLY A 44 22.09 -1.12 2.64
C GLY A 44 21.55 -2.53 2.53
N PHE A 45 20.40 -2.67 1.85
CA PHE A 45 19.78 -3.98 1.66
C PHE A 45 19.57 -4.18 0.16
N PRO A 46 20.67 -4.28 -0.61
CA PRO A 46 20.57 -4.45 -2.07
C PRO A 46 19.79 -5.66 -2.57
N LYS A 47 19.71 -6.71 -1.77
CA LYS A 47 18.98 -7.91 -2.18
C LYS A 47 17.70 -8.10 -1.39
N GLY A 48 17.39 -7.15 -0.52
CA GLY A 48 16.22 -7.27 0.32
C GLY A 48 16.68 -8.00 1.56
N VAL A 49 15.82 -8.08 2.57
CA VAL A 49 16.17 -8.76 3.82
C VAL A 49 14.87 -9.14 4.48
N ALA A 50 14.93 -10.09 5.41
CA ALA A 50 13.72 -10.53 6.09
C ALA A 50 14.03 -11.07 7.46
N VAL A 51 13.01 -11.10 8.31
CA VAL A 51 13.13 -11.69 9.63
C VAL A 51 12.09 -12.80 9.55
N VAL A 52 12.54 -14.03 9.78
CA VAL A 52 11.65 -15.18 9.70
C VAL A 52 11.46 -15.72 11.10
N LEU A 53 10.19 -15.78 11.51
CA LEU A 53 9.80 -16.23 12.84
C LEU A 53 9.17 -17.64 12.81
N ASP A 54 9.72 -18.53 13.61
CA ASP A 54 9.18 -19.90 13.74
C ASP A 54 8.23 -19.80 14.92
N LEU A 55 6.98 -19.44 14.63
CA LEU A 55 5.97 -19.25 15.67
C LEU A 55 5.14 -20.50 15.93
N TRP A 56 4.80 -20.76 17.19
CA TRP A 56 4.02 -21.94 17.52
C TRP A 56 3.30 -21.86 18.86
N HIS A 57 1.97 -21.86 18.80
CA HIS A 57 1.12 -21.84 19.99
C HIS A 57 1.45 -20.79 21.04
N GLY A 58 1.73 -19.56 20.60
CA GLY A 58 2.02 -18.51 21.55
C GLY A 58 3.49 -18.26 21.82
N ALA A 59 4.34 -19.17 21.36
CA ALA A 59 5.77 -19.03 21.56
C ALA A 59 6.53 -18.77 20.27
N CYS A 60 7.75 -18.29 20.41
CA CYS A 60 8.62 -18.07 19.27
C CYS A 60 9.70 -19.14 19.47
N ARG A 61 9.69 -20.15 18.63
CA ARG A 61 10.65 -21.25 18.71
C ARG A 61 11.99 -20.89 18.10
N GLY A 62 12.04 -19.77 17.40
CA GLY A 62 13.28 -19.35 16.77
C GLY A 62 13.04 -18.24 15.78
N ALA A 63 14.07 -17.43 15.56
CA ALA A 63 13.97 -16.33 14.61
C ALA A 63 15.31 -16.23 13.87
N LYS A 64 15.32 -15.48 12.78
CA LYS A 64 16.56 -15.32 12.03
C LYS A 64 16.39 -14.25 10.99
N ALA A 65 17.46 -13.47 10.78
CA ALA A 65 17.44 -12.43 9.77
C ALA A 65 18.09 -13.09 8.56
N VAL A 66 17.47 -12.93 7.41
CA VAL A 66 17.99 -13.51 6.19
C VAL A 66 18.12 -12.47 5.10
N GLU A 67 19.26 -12.51 4.42
CA GLU A 67 19.51 -11.59 3.32
C GLU A 67 18.82 -12.20 2.12
N GLY A 68 18.14 -11.38 1.34
CA GLY A 68 17.45 -11.88 0.16
C GLY A 68 16.08 -12.47 0.47
N GLU A 69 15.64 -13.37 -0.39
CA GLU A 69 14.35 -14.04 -0.24
C GLU A 69 14.32 -15.01 0.93
N ALA A 70 13.20 -15.04 1.64
CA ALA A 70 13.04 -15.93 2.78
C ALA A 70 11.81 -16.82 2.62
N GLU A 71 11.92 -18.06 3.13
CA GLU A 71 10.82 -19.01 3.04
C GLU A 71 10.02 -19.10 4.34
N ALA A 72 8.70 -19.14 4.21
CA ALA A 72 7.82 -19.23 5.37
C ALA A 72 6.40 -19.58 4.93
N ASP A 73 5.57 -19.97 5.89
CA ASP A 73 4.18 -20.30 5.61
C ASP A 73 3.43 -19.02 5.23
N PHE A 74 3.80 -17.92 5.85
CA PHE A 74 3.20 -16.63 5.55
C PHE A 74 4.32 -15.65 5.28
N VAL A 75 4.18 -14.86 4.23
CA VAL A 75 5.17 -13.86 3.89
C VAL A 75 4.49 -12.52 3.67
N ILE A 76 4.92 -11.52 4.45
CA ILE A 76 4.39 -10.16 4.34
C ILE A 76 5.57 -9.30 3.93
N GLU A 77 5.44 -8.70 2.75
CA GLU A 77 6.50 -7.89 2.16
C GLU A 77 6.13 -6.41 2.11
N ALA A 78 7.15 -5.54 2.19
CA ALA A 78 6.90 -4.11 2.16
C ALA A 78 8.20 -3.35 1.96
N ASP A 79 8.08 -2.06 1.61
CA ASP A 79 9.23 -1.19 1.45
C ASP A 79 9.75 -0.95 2.87
N LEU A 80 11.06 -0.75 3.00
CA LEU A 80 11.65 -0.50 4.32
C LEU A 80 10.92 0.62 5.06
N ALA A 81 10.64 1.72 4.37
CA ALA A 81 9.97 2.86 4.98
C ALA A 81 8.65 2.48 5.63
N THR A 82 7.90 1.60 4.96
CA THR A 82 6.64 1.13 5.48
C THR A 82 6.86 0.34 6.75
N TRP A 83 7.81 -0.58 6.73
CA TRP A 83 8.10 -1.37 7.92
C TRP A 83 8.55 -0.48 9.07
N GLN A 84 9.32 0.56 8.76
CA GLN A 84 9.78 1.46 9.83
C GLN A 84 8.56 2.12 10.48
N GLU A 85 7.61 2.54 9.67
CA GLU A 85 6.40 3.15 10.20
C GLU A 85 5.61 2.18 11.05
N VAL A 86 5.42 0.96 10.55
CA VAL A 86 4.65 -0.04 11.29
C VAL A 86 5.32 -0.45 12.59
N LEU A 87 6.59 -0.85 12.51
CA LEU A 87 7.30 -1.31 13.68
C LEU A 87 7.63 -0.19 14.66
N GLU A 88 7.24 1.03 14.33
CA GLU A 88 7.45 2.20 15.18
C GLU A 88 6.12 2.83 15.63
N GLY A 89 5.02 2.16 15.29
CA GLY A 89 3.70 2.62 15.70
C GLY A 89 3.06 3.77 14.94
N ARG A 90 3.66 4.21 13.85
CA ARG A 90 3.12 5.31 13.06
C ARG A 90 2.11 4.85 12.01
N LEU A 91 2.02 3.53 11.81
CA LEU A 91 1.08 2.98 10.84
C LEU A 91 0.45 1.72 11.44
N GLU A 92 -0.88 1.70 11.50
CA GLU A 92 -1.62 0.58 12.06
C GLU A 92 -1.50 -0.61 11.09
N PRO A 93 -1.05 -1.78 11.59
CA PRO A 93 -0.89 -2.96 10.74
C PRO A 93 -2.08 -3.59 10.00
N LEU A 94 -3.22 -3.72 10.64
CA LEU A 94 -4.35 -4.35 9.96
C LEU A 94 -4.77 -3.54 8.74
N SER A 95 -4.89 -2.23 8.91
CA SER A 95 -5.29 -1.38 7.79
C SER A 95 -4.20 -1.36 6.72
N ALA A 96 -2.93 -1.41 7.14
CA ALA A 96 -1.84 -1.40 6.17
C ALA A 96 -1.90 -2.65 5.32
N LEU A 97 -2.25 -3.77 5.93
CA LEU A 97 -2.34 -5.04 5.19
C LEU A 97 -3.52 -4.98 4.21
N MSE A 98 -4.64 -4.41 4.67
CA MSE A 98 -5.83 -4.31 3.85
C MSE A 98 -5.62 -3.45 2.60
O MSE A 98 -6.14 -3.77 1.53
CB MSE A 98 -6.98 -3.75 4.70
CG MSE A 98 -8.26 -3.51 3.95
SE MSE A 98 -9.67 -3.16 5.22
CE MSE A 98 -9.95 -4.97 5.80
N ARG A 99 -4.86 -2.36 2.74
CA ARG A 99 -4.59 -1.45 1.62
C ARG A 99 -3.45 -1.95 0.74
N GLY A 100 -2.72 -2.96 1.22
CA GLY A 100 -1.62 -3.48 0.44
C GLY A 100 -0.28 -2.82 0.72
N LEU A 101 -0.23 -1.89 1.67
CA LEU A 101 1.04 -1.24 2.03
C LEU A 101 1.95 -2.36 2.55
N LEU A 102 1.34 -3.27 3.31
CA LEU A 102 2.04 -4.46 3.77
C LEU A 102 1.38 -5.44 2.81
N GLU A 103 2.17 -6.09 1.97
CA GLU A 103 1.64 -7.00 0.98
C GLU A 103 1.77 -8.46 1.36
N LEU A 104 0.64 -9.16 1.42
CA LEU A 104 0.68 -10.57 1.76
C LEU A 104 1.09 -11.34 0.51
N LYS A 105 2.35 -11.75 0.46
CA LYS A 105 2.90 -12.46 -0.70
C LYS A 105 2.63 -13.96 -0.69
N LYS A 106 2.49 -14.53 0.51
CA LYS A 106 2.21 -15.96 0.64
C LYS A 106 1.27 -16.14 1.81
N GLY A 107 0.24 -16.95 1.61
CA GLY A 107 -0.75 -17.17 2.64
C GLY A 107 -2.01 -16.42 2.21
N THR A 108 -3.13 -16.71 2.86
CA THR A 108 -4.38 -16.06 2.50
C THR A 108 -4.98 -15.30 3.67
N ILE A 109 -5.73 -14.25 3.34
CA ILE A 109 -6.40 -13.43 4.35
C ILE A 109 -7.35 -14.33 5.14
N ALA A 110 -8.04 -15.22 4.43
CA ALA A 110 -8.97 -16.12 5.10
C ALA A 110 -8.28 -16.89 6.23
N ALA A 111 -7.04 -17.31 5.99
CA ALA A 111 -6.30 -18.05 6.99
C ALA A 111 -5.73 -17.16 8.09
N LEU A 112 -5.44 -15.91 7.75
CA LEU A 112 -4.86 -14.97 8.69
C LEU A 112 -5.87 -14.13 9.48
N ALA A 113 -7.01 -13.84 8.86
CA ALA A 113 -8.05 -13.03 9.50
C ALA A 113 -8.38 -13.39 10.94
N PRO A 114 -8.58 -14.69 11.24
CA PRO A 114 -8.91 -15.13 12.60
C PRO A 114 -7.84 -14.80 13.64
N TYR A 115 -6.63 -14.50 13.18
CA TYR A 115 -5.53 -14.18 14.09
C TYR A 115 -5.14 -12.72 14.12
N ALA A 116 -6.11 -11.86 13.86
CA ALA A 116 -5.87 -10.42 13.86
C ALA A 116 -5.26 -9.92 15.17
N GLN A 117 -5.71 -10.45 16.30
CA GLN A 117 -5.17 -9.99 17.58
C GLN A 117 -3.70 -10.39 17.73
N ALA A 118 -3.36 -11.60 17.27
CA ALA A 118 -1.99 -12.06 17.35
C ALA A 118 -1.12 -11.12 16.51
N ALA A 119 -1.64 -10.71 15.35
CA ALA A 119 -0.91 -9.81 14.46
C ALA A 119 -0.70 -8.46 15.16
N GLN A 120 -1.75 -7.95 15.79
CA GLN A 120 -1.65 -6.68 16.50
C GLN A 120 -0.59 -6.80 17.59
N GLU A 121 -0.57 -7.93 18.29
CA GLU A 121 0.41 -8.13 19.35
C GLU A 121 1.84 -8.28 18.80
N LEU A 122 1.98 -9.00 17.69
CA LEU A 122 3.30 -9.19 17.08
C LEU A 122 3.92 -7.82 16.84
N VAL A 123 3.10 -6.92 16.29
CA VAL A 123 3.56 -5.58 15.99
C VAL A 123 3.82 -4.76 17.25
N LYS A 124 2.92 -4.84 18.23
CA LYS A 124 3.10 -4.10 19.48
C LYS A 124 4.39 -4.54 20.16
N VAL A 125 4.68 -5.84 20.13
CA VAL A 125 5.91 -6.34 20.76
C VAL A 125 7.15 -5.85 20.00
N ALA A 126 7.07 -5.87 18.68
CA ALA A 126 8.20 -5.43 17.85
C ALA A 126 8.59 -4.01 18.22
N ARG A 127 7.58 -3.18 18.45
CA ARG A 127 7.79 -1.78 18.80
C ARG A 127 8.59 -1.60 20.10
N GLU A 128 8.50 -2.58 21.00
CA GLU A 128 9.20 -2.50 22.29
C GLU A 128 10.58 -3.14 22.31
N VAL A 129 11.04 -3.60 21.15
CA VAL A 129 12.37 -4.20 21.06
C VAL A 129 13.41 -3.09 20.98
N ALA A 130 14.48 -3.24 21.75
CA ALA A 130 15.55 -2.23 21.76
C ALA A 130 16.10 -2.04 20.36
N MSE B 1 -16.79 -1.76 -5.97
CA MSE B 1 -16.44 -2.28 -7.33
C MSE B 1 -16.90 -1.37 -8.43
O MSE B 1 -16.17 -1.14 -9.40
CB MSE B 1 -17.06 -3.64 -7.56
CG MSE B 1 -16.13 -4.75 -7.28
SE MSE B 1 -14.49 -4.40 -8.10
CE MSE B 1 -13.34 -5.20 -6.78
N GLU B 2 -18.13 -0.89 -8.32
CA GLU B 2 -18.69 0.00 -9.32
C GLU B 2 -17.75 1.18 -9.52
N LEU B 3 -17.53 1.52 -10.78
CA LEU B 3 -16.65 2.61 -11.14
C LEU B 3 -16.78 3.87 -10.29
N PHE B 4 -15.64 4.36 -9.80
CA PHE B 4 -15.56 5.58 -9.00
C PHE B 4 -16.29 5.62 -7.66
N THR B 5 -16.79 4.48 -7.21
CA THR B 5 -17.45 4.43 -5.90
C THR B 5 -16.34 4.26 -4.87
N GLU B 6 -16.71 4.31 -3.60
CA GLU B 6 -15.75 4.15 -2.51
C GLU B 6 -15.06 2.79 -2.61
N ALA B 7 -15.84 1.76 -2.93
CA ALA B 7 -15.31 0.41 -3.05
C ALA B 7 -14.27 0.36 -4.17
N TRP B 8 -14.53 1.08 -5.25
CA TRP B 8 -13.60 1.11 -6.37
C TRP B 8 -12.31 1.84 -5.94
N ALA B 9 -12.47 2.94 -5.22
CA ALA B 9 -11.32 3.71 -4.74
C ALA B 9 -10.42 2.83 -3.89
N GLN B 10 -11.02 2.08 -2.98
CA GLN B 10 -10.27 1.19 -2.11
C GLN B 10 -9.54 0.11 -2.90
N ALA B 11 -10.21 -0.45 -3.91
CA ALA B 11 -9.63 -1.49 -4.75
C ALA B 11 -8.46 -0.95 -5.55
N TYR B 12 -8.60 0.27 -6.04
CA TYR B 12 -7.58 0.93 -6.84
C TYR B 12 -6.33 1.20 -5.99
N CYS B 13 -6.53 1.64 -4.76
CA CYS B 13 -5.41 1.93 -3.87
C CYS B 13 -4.60 0.68 -3.64
N ARG B 14 -5.31 -0.43 -3.40
CA ARG B 14 -4.68 -1.72 -3.17
C ARG B 14 -3.93 -2.17 -4.41
N LYS B 15 -4.56 -2.04 -5.59
CA LYS B 15 -3.91 -2.45 -6.83
C LYS B 15 -2.64 -1.64 -7.10
N LEU B 16 -2.67 -0.37 -6.76
CA LEU B 16 -1.51 0.48 -6.96
C LEU B 16 -0.40 -0.01 -6.04
N ASN B 17 -0.75 -0.41 -4.82
CA ASN B 17 0.27 -0.88 -3.89
C ASN B 17 0.85 -2.21 -4.32
N GLU B 18 0.09 -2.96 -5.11
CA GLU B 18 0.56 -4.27 -5.58
C GLU B 18 1.27 -4.15 -6.92
N SER B 19 1.27 -2.95 -7.50
CA SER B 19 1.92 -2.71 -8.80
C SER B 19 3.38 -2.29 -8.68
N GLU B 20 4.30 -3.20 -9.02
CA GLU B 20 5.70 -2.87 -8.95
C GLU B 20 6.06 -1.80 -9.98
N ALA B 21 5.40 -1.85 -11.14
CA ALA B 21 5.66 -0.87 -12.19
C ALA B 21 5.30 0.54 -11.75
N TYR B 22 4.16 0.70 -11.07
CA TYR B 22 3.78 2.02 -10.59
C TYR B 22 4.73 2.44 -9.46
N ARG B 23 5.04 1.49 -8.58
CA ARG B 23 5.90 1.75 -7.45
C ARG B 23 7.23 2.33 -7.90
N LYS B 24 7.80 1.75 -8.94
CA LYS B 24 9.08 2.22 -9.46
C LYS B 24 8.96 3.56 -10.17
N ALA B 25 7.91 3.74 -10.94
CA ALA B 25 7.70 4.98 -11.68
C ALA B 25 7.42 6.17 -10.77
N ALA B 26 6.75 5.93 -9.65
CA ALA B 26 6.40 6.99 -8.72
C ALA B 26 7.25 6.99 -7.45
N SER B 27 8.42 6.36 -7.52
CA SER B 27 9.32 6.27 -6.37
C SER B 27 9.58 7.57 -5.62
N THR B 28 9.61 8.69 -6.33
CA THR B 28 9.87 9.98 -5.68
C THR B 28 8.64 10.86 -5.63
N TRP B 29 7.52 10.35 -6.10
CA TRP B 29 6.29 11.14 -6.09
C TRP B 29 5.80 11.48 -4.70
N GLU B 30 5.36 12.72 -4.52
CA GLU B 30 4.82 13.18 -3.24
C GLU B 30 3.63 14.10 -3.48
N GLY B 31 2.47 13.76 -2.91
CA GLY B 31 1.31 14.61 -3.07
C GLY B 31 0.01 13.88 -3.35
N SER B 32 -1.09 14.44 -2.86
CA SER B 32 -2.41 13.86 -3.07
C SER B 32 -2.91 14.20 -4.48
N LEU B 33 -3.72 13.31 -5.03
CA LEU B 33 -4.24 13.49 -6.38
C LEU B 33 -5.71 13.11 -6.44
N ALA B 34 -6.52 13.98 -7.03
CA ALA B 34 -7.95 13.73 -7.15
C ALA B 34 -8.30 13.57 -8.62
N LEU B 35 -9.03 12.50 -8.92
CA LEU B 35 -9.50 12.25 -10.27
C LEU B 35 -10.98 12.59 -10.16
N ALA B 36 -11.35 13.74 -10.69
CA ALA B 36 -12.72 14.23 -10.60
C ALA B 36 -13.54 14.10 -11.87
N VAL B 37 -14.75 13.61 -11.70
CA VAL B 37 -15.69 13.46 -12.80
C VAL B 37 -16.69 14.61 -12.67
N ARG B 38 -16.78 15.44 -13.70
CA ARG B 38 -17.69 16.56 -13.66
C ARG B 38 -19.15 16.17 -13.53
N PRO B 39 -19.96 17.07 -12.97
CA PRO B 39 -21.39 16.84 -12.78
C PRO B 39 -22.01 16.13 -13.98
N ASP B 40 -22.64 15.01 -13.72
CA ASP B 40 -23.27 14.22 -14.77
C ASP B 40 -24.46 13.51 -14.16
N PRO B 41 -25.64 14.15 -14.20
CA PRO B 41 -26.89 13.61 -13.65
C PRO B 41 -27.20 12.19 -14.13
N LYS B 42 -27.30 12.05 -15.45
CA LYS B 42 -27.60 10.74 -16.07
C LYS B 42 -26.65 9.64 -15.60
N ALA B 43 -25.49 10.03 -15.10
CA ALA B 43 -24.48 9.09 -14.64
C ALA B 43 -24.54 8.86 -13.15
N GLY B 44 -25.45 9.56 -12.48
CA GLY B 44 -25.59 9.42 -11.05
C GLY B 44 -24.61 10.28 -10.27
N PHE B 45 -23.99 11.23 -10.95
CA PHE B 45 -23.01 12.12 -10.31
C PHE B 45 -23.45 13.58 -10.47
N PRO B 46 -24.67 13.91 -10.00
CA PRO B 46 -25.24 15.27 -10.06
C PRO B 46 -24.35 16.41 -9.55
N LYS B 47 -23.55 16.13 -8.54
CA LYS B 47 -22.65 17.14 -8.01
C LYS B 47 -21.23 16.74 -8.33
N GLY B 48 -21.11 15.75 -9.23
CA GLY B 48 -19.80 15.26 -9.64
C GLY B 48 -19.23 14.39 -8.54
N VAL B 49 -18.23 13.59 -8.85
CA VAL B 49 -17.62 12.75 -7.84
C VAL B 49 -16.14 12.71 -8.12
N ALA B 50 -15.36 12.27 -7.15
CA ALA B 50 -13.92 12.20 -7.35
C ALA B 50 -13.29 11.16 -6.46
N VAL B 51 -12.23 10.54 -6.97
CA VAL B 51 -11.48 9.56 -6.21
C VAL B 51 -10.22 10.32 -5.79
N VAL B 52 -10.01 10.41 -4.48
CA VAL B 52 -8.87 11.13 -3.93
C VAL B 52 -7.83 10.14 -3.40
N LEU B 53 -6.61 10.25 -3.92
CA LEU B 53 -5.53 9.37 -3.56
C LEU B 53 -4.41 10.06 -2.79
N ASP B 54 -4.05 9.47 -1.65
CA ASP B 54 -2.97 9.98 -0.81
C ASP B 54 -1.72 9.21 -1.26
N LEU B 55 -1.10 9.68 -2.33
CA LEU B 55 0.06 9.00 -2.90
C LEU B 55 1.39 9.46 -2.31
N TRP B 56 2.28 8.50 -2.10
CA TRP B 56 3.59 8.80 -1.53
C TRP B 56 4.67 7.78 -1.87
N HIS B 57 5.70 8.25 -2.58
CA HIS B 57 6.84 7.41 -2.95
C HIS B 57 6.53 6.05 -3.56
N GLY B 58 5.58 6.00 -4.48
CA GLY B 58 5.25 4.75 -5.13
C GLY B 58 4.15 3.94 -4.46
N ALA B 59 3.68 4.41 -3.31
CA ALA B 59 2.62 3.71 -2.59
C ALA B 59 1.36 4.56 -2.53
N CYS B 60 0.25 3.93 -2.18
CA CYS B 60 -1.03 4.61 -2.02
C CYS B 60 -1.34 4.46 -0.53
N ARG B 61 -1.18 5.54 0.21
CA ARG B 61 -1.41 5.52 1.65
C ARG B 61 -2.90 5.44 2.00
N GLY B 62 -3.74 5.79 1.04
CA GLY B 62 -5.17 5.75 1.29
C GLY B 62 -5.95 6.32 0.12
N ALA B 63 -7.22 5.95 0.02
CA ALA B 63 -8.06 6.45 -1.07
C ALA B 63 -9.49 6.58 -0.59
N LYS B 64 -10.23 7.50 -1.21
CA LYS B 64 -11.63 7.71 -0.85
C LYS B 64 -12.37 8.29 -2.05
N ALA B 65 -13.69 8.09 -2.08
CA ALA B 65 -14.51 8.64 -3.14
C ALA B 65 -15.33 9.73 -2.45
N VAL B 66 -15.33 10.93 -3.01
CA VAL B 66 -16.08 12.04 -2.44
C VAL B 66 -17.04 12.64 -3.45
N GLU B 67 -18.11 13.26 -2.97
CA GLU B 67 -19.08 13.92 -3.85
C GLU B 67 -18.71 15.40 -3.85
N GLY B 68 -18.94 16.08 -4.96
CA GLY B 68 -18.62 17.49 -5.02
C GLY B 68 -17.16 17.84 -5.23
N GLU B 69 -16.77 19.05 -4.82
CA GLU B 69 -15.40 19.54 -4.97
C GLU B 69 -14.37 18.82 -4.10
N ALA B 70 -13.40 18.18 -4.75
CA ALA B 70 -12.36 17.46 -4.01
C ALA B 70 -11.22 18.33 -3.52
N GLU B 71 -10.54 17.87 -2.48
CA GLU B 71 -9.39 18.59 -1.93
C GLU B 71 -8.18 17.74 -2.18
N ALA B 72 -7.18 18.31 -2.85
CA ALA B 72 -5.95 17.59 -3.14
C ALA B 72 -4.92 18.54 -3.72
N ASP B 73 -3.66 18.12 -3.66
CA ASP B 73 -2.55 18.91 -4.21
C ASP B 73 -2.71 19.04 -5.72
N PHE B 74 -3.26 18.01 -6.35
CA PHE B 74 -3.50 18.02 -7.79
C PHE B 74 -4.92 17.54 -8.00
N VAL B 75 -5.71 18.33 -8.70
CA VAL B 75 -7.09 17.95 -9.00
C VAL B 75 -7.26 17.98 -10.51
N ILE B 76 -7.61 16.83 -11.07
CA ILE B 76 -7.79 16.72 -12.51
C ILE B 76 -9.26 16.43 -12.75
N GLU B 77 -9.95 17.32 -13.47
CA GLU B 77 -11.35 17.06 -13.72
C GLU B 77 -11.63 16.89 -15.21
N ALA B 78 -12.63 16.07 -15.51
CA ALA B 78 -12.98 15.80 -16.90
C ALA B 78 -14.39 15.23 -16.98
N ASP B 79 -14.95 15.19 -18.19
CA ASP B 79 -16.28 14.62 -18.40
C ASP B 79 -16.14 13.12 -18.24
N LEU B 80 -17.20 12.48 -17.76
CA LEU B 80 -17.19 11.04 -17.58
C LEU B 80 -16.74 10.31 -18.86
N ALA B 81 -17.22 10.78 -20.01
CA ALA B 81 -16.85 10.16 -21.30
C ALA B 81 -15.35 10.24 -21.53
N THR B 82 -14.74 11.35 -21.15
CA THR B 82 -13.29 11.53 -21.32
C THR B 82 -12.55 10.54 -20.43
N TRP B 83 -13.01 10.38 -19.19
CA TRP B 83 -12.36 9.44 -18.27
C TRP B 83 -12.51 8.01 -18.81
N GLN B 84 -13.65 7.71 -19.44
CA GLN B 84 -13.86 6.38 -20.00
C GLN B 84 -12.82 6.10 -21.08
N GLU B 85 -12.60 7.09 -21.94
CA GLU B 85 -11.62 6.95 -23.00
C GLU B 85 -10.21 6.79 -22.43
N VAL B 86 -9.91 7.52 -21.37
CA VAL B 86 -8.59 7.40 -20.75
C VAL B 86 -8.39 5.98 -20.18
N LEU B 87 -9.38 5.47 -19.46
CA LEU B 87 -9.25 4.12 -18.89
C LEU B 87 -9.17 3.05 -19.98
N GLU B 88 -9.81 3.30 -21.12
CA GLU B 88 -9.77 2.33 -22.21
C GLU B 88 -8.40 2.34 -22.88
N GLY B 89 -7.61 3.37 -22.59
CA GLY B 89 -6.28 3.49 -23.16
C GLY B 89 -6.30 4.17 -24.52
N ARG B 90 -7.26 5.04 -24.74
CA ARG B 90 -7.39 5.75 -26.01
C ARG B 90 -6.99 7.21 -25.93
N LEU B 91 -6.66 7.67 -24.74
CA LEU B 91 -6.29 9.06 -24.56
C LEU B 91 -5.13 9.19 -23.58
N GLU B 92 -3.93 9.47 -24.08
CA GLU B 92 -2.77 9.62 -23.22
C GLU B 92 -3.02 10.79 -22.29
N PRO B 93 -2.88 10.58 -20.98
CA PRO B 93 -3.10 11.61 -19.96
C PRO B 93 -2.35 12.94 -20.08
N LEU B 94 -1.04 12.90 -20.28
CA LEU B 94 -0.29 14.15 -20.40
C LEU B 94 -0.73 15.04 -21.55
N SER B 95 -0.92 14.47 -22.73
CA SER B 95 -1.33 15.29 -23.89
C SER B 95 -2.76 15.81 -23.66
N ALA B 96 -3.59 14.99 -23.03
CA ALA B 96 -4.98 15.40 -22.75
C ALA B 96 -4.95 16.57 -21.76
N LEU B 97 -4.03 16.52 -20.80
CA LEU B 97 -3.91 17.59 -19.81
C LEU B 97 -3.47 18.90 -20.46
N MSE B 98 -2.53 18.80 -21.39
CA MSE B 98 -2.00 19.98 -22.08
C MSE B 98 -3.07 20.67 -22.92
O MSE B 98 -3.09 21.90 -23.00
CB MSE B 98 -0.81 19.59 -22.96
CG MSE B 98 0.35 19.00 -22.16
SE MSE B 98 1.94 18.79 -23.23
CE MSE B 98 1.75 16.93 -23.71
N ARG B 99 -3.94 19.88 -23.54
CA ARG B 99 -5.02 20.41 -24.37
C ARG B 99 -6.24 20.82 -23.56
N GLY B 100 -6.30 20.40 -22.31
CA GLY B 100 -7.45 20.75 -21.48
C GLY B 100 -8.56 19.72 -21.48
N LEU B 101 -8.41 18.61 -22.22
CA LEU B 101 -9.46 17.57 -22.23
C LEU B 101 -9.55 17.09 -20.81
N LEU B 102 -8.38 16.92 -20.18
CA LEU B 102 -8.31 16.59 -18.78
C LEU B 102 -7.94 17.98 -18.27
N GLU B 103 -8.72 18.51 -17.35
CA GLU B 103 -8.48 19.85 -16.85
C GLU B 103 -7.84 19.87 -15.48
N LEU B 104 -6.66 20.48 -15.39
CA LEU B 104 -5.97 20.58 -14.12
C LEU B 104 -6.50 21.77 -13.34
N LYS B 105 -7.39 21.50 -12.41
CA LYS B 105 -8.01 22.52 -11.58
C LYS B 105 -7.11 23.00 -10.45
N LYS B 106 -6.22 22.11 -9.98
CA LYS B 106 -5.29 22.45 -8.90
C LYS B 106 -3.97 21.82 -9.26
N GLY B 107 -2.88 22.59 -9.16
CA GLY B 107 -1.57 22.05 -9.50
C GLY B 107 -1.08 22.52 -10.86
N THR B 108 0.13 22.12 -11.26
CA THR B 108 0.70 22.52 -12.54
C THR B 108 1.10 21.32 -13.39
N ILE B 109 0.90 21.42 -14.70
CA ILE B 109 1.27 20.32 -15.59
C ILE B 109 2.78 20.13 -15.52
N ALA B 110 3.50 21.22 -15.28
CA ALA B 110 4.96 21.16 -15.19
C ALA B 110 5.43 20.24 -14.06
N ALA B 111 4.67 20.20 -12.97
CA ALA B 111 5.02 19.34 -11.83
C ALA B 111 4.68 17.87 -12.09
N LEU B 112 3.73 17.64 -13.00
CA LEU B 112 3.31 16.29 -13.36
C LEU B 112 4.14 15.74 -14.51
N ALA B 113 4.64 16.63 -15.35
CA ALA B 113 5.44 16.25 -16.52
C ALA B 113 6.57 15.26 -16.21
N PRO B 114 7.34 15.51 -15.14
CA PRO B 114 8.44 14.61 -14.78
C PRO B 114 7.97 13.20 -14.45
N TYR B 115 6.68 13.08 -14.14
CA TYR B 115 6.09 11.79 -13.79
C TYR B 115 5.18 11.24 -14.87
N ALA B 116 5.60 11.39 -16.12
CA ALA B 116 4.83 10.90 -17.25
C ALA B 116 4.60 9.40 -17.11
N GLN B 117 5.64 8.66 -16.76
CA GLN B 117 5.51 7.22 -16.62
C GLN B 117 4.56 6.83 -15.50
N ALA B 118 4.64 7.52 -14.38
CA ALA B 118 3.75 7.23 -13.25
C ALA B 118 2.30 7.46 -13.70
N ALA B 119 2.08 8.50 -14.51
CA ALA B 119 0.75 8.81 -15.02
C ALA B 119 0.27 7.65 -15.87
N GLN B 120 1.15 7.11 -16.69
CA GLN B 120 0.80 5.98 -17.54
C GLN B 120 0.40 4.77 -16.70
N GLU B 121 1.16 4.53 -15.63
CA GLU B 121 0.87 3.39 -14.76
C GLU B 121 -0.45 3.61 -13.99
N LEU B 122 -0.74 4.85 -13.62
CA LEU B 122 -1.98 5.14 -12.92
C LEU B 122 -3.14 4.73 -13.81
N VAL B 123 -3.05 5.12 -15.08
CA VAL B 123 -4.09 4.79 -16.05
C VAL B 123 -4.24 3.29 -16.23
N LYS B 124 -3.12 2.58 -16.40
CA LYS B 124 -3.14 1.12 -16.60
C LYS B 124 -3.74 0.40 -15.40
N VAL B 125 -3.34 0.82 -14.20
CA VAL B 125 -3.84 0.16 -13.00
C VAL B 125 -5.33 0.43 -12.83
N ALA B 126 -5.78 1.63 -13.17
CA ALA B 126 -7.19 1.97 -13.05
C ALA B 126 -8.01 1.03 -13.95
N ARG B 127 -7.54 0.82 -15.16
CA ARG B 127 -8.24 -0.07 -16.08
C ARG B 127 -8.37 -1.48 -15.53
N GLU B 128 -7.31 -1.96 -14.89
CA GLU B 128 -7.27 -3.30 -14.32
C GLU B 128 -8.10 -3.49 -13.05
N VAL B 129 -8.63 -2.41 -12.48
CA VAL B 129 -9.42 -2.55 -11.26
C VAL B 129 -10.73 -3.28 -11.48
N ALA B 130 -11.49 -2.83 -12.47
CA ALA B 130 -12.79 -3.44 -12.78
C ALA B 130 -12.74 -4.95 -12.73
P PO4 C . -15.10 23.79 -15.43
O1 PO4 C . -14.46 23.18 -14.24
O2 PO4 C . -15.27 25.25 -15.19
O3 PO4 C . -16.44 23.15 -15.65
O4 PO4 C . -14.25 23.57 -16.62
#